data_4F1T
#
_entry.id   4F1T
#
_cell.length_a   43.280
_cell.length_b   43.280
_cell.length_c   352.520
_cell.angle_alpha   90.00
_cell.angle_beta   90.00
_cell.angle_gamma   90.00
#
_symmetry.space_group_name_H-M   'P 43 21 2'
#
loop_
_entity.id
_entity.type
_entity.pdbx_description
1 polymer 'Serine/threonine-protein kinase roco4'
2 non-polymer (S)-2-METHYL-1-[(4-METHYL-5-ISOQUINOLINE)SULFONYL]-HOMOPIPERAZINE
3 water water
#
_entity_poly.entity_id   1
_entity_poly.type   'polypeptide(L)'
_entity_poly.pdbx_seq_one_letter_code
;GAMGGSEFPKSRLPTLADNEIEYEKQIGKGGFGLVHKGRLVKDKSVVAIKSLILGDSEGETEMIEKFQEFQREVFIMSNL
NHPNIVKLYGLMHNPPRMVMEFVPCGDLYHRLLDKAHPIKWSVKLRLMLDIALGIEYMQNQNPPIVHRDLRSPNIFLQSL
DENAPVCAKVADFGLSQQSVHSVSGLLGNFQWMAPETIGAEEESYTEKADTYSFAMILYTILTGEGPFDEYSYGKIKFIN
MIREEGLRPTIPEDCPPRLRNVIELCWSGDPKKRPHFSYIVKELSEL
;
_entity_poly.pdbx_strand_id   A
#
# COMPACT_ATOMS: atom_id res chain seq x y z
N ARG A 12 7.52 0.49 23.63
CA ARG A 12 6.44 -0.50 23.64
C ARG A 12 5.42 -0.12 22.59
N LEU A 13 4.17 -0.52 22.81
CA LEU A 13 3.04 0.19 22.27
C LEU A 13 2.34 0.83 23.47
N PRO A 14 2.35 2.15 23.50
CA PRO A 14 1.80 2.92 24.60
C PRO A 14 0.28 2.92 24.64
N THR A 15 -0.27 3.23 25.79
CA THR A 15 -1.69 3.31 25.92
C THR A 15 -2.06 4.70 26.27
N LEU A 16 -2.97 5.24 25.52
CA LEU A 16 -3.53 6.49 25.90
C LEU A 16 -4.95 6.15 25.87
N ALA A 17 -5.63 6.60 26.89
CA ALA A 17 -7.04 6.47 26.98
C ALA A 17 -7.35 7.80 27.58
N ASP A 18 -8.61 8.11 27.73
CA ASP A 18 -9.38 9.12 27.10
C ASP A 18 -8.93 10.53 27.32
N ASN A 19 -8.24 10.76 28.40
CA ASN A 19 -7.87 12.10 28.80
C ASN A 19 -6.94 12.83 27.87
N GLU A 20 -5.97 12.11 27.34
CA GLU A 20 -4.97 12.63 26.43
C GLU A 20 -5.49 13.11 25.06
N ILE A 21 -6.60 12.56 24.60
CA ILE A 21 -7.10 12.78 23.24
C ILE A 21 -8.39 13.59 23.13
N GLU A 22 -8.50 14.48 22.15
CA GLU A 22 -9.77 15.15 21.85
C GLU A 22 -10.32 14.91 20.46
N TYR A 23 -11.55 14.45 20.37
CA TYR A 23 -12.18 14.20 19.10
C TYR A 23 -12.58 15.48 18.38
N GLU A 24 -12.66 15.44 17.06
CA GLU A 24 -13.12 16.56 16.27
C GLU A 24 -14.25 16.22 15.27
N LYS A 25 -14.11 15.19 14.46
CA LYS A 25 -15.12 14.89 13.46
C LYS A 25 -15.19 13.43 13.15
N GLN A 26 -15.77 13.11 12.03
CA GLN A 26 -15.74 11.77 11.54
C GLN A 26 -15.37 11.81 10.08
N ILE A 27 -14.40 10.98 9.73
CA ILE A 27 -13.86 10.95 8.39
C ILE A 27 -14.03 9.63 7.71
N GLY A 28 -14.91 8.76 8.21
CA GLY A 28 -15.08 7.48 7.54
C GLY A 28 -15.53 6.26 8.34
N LYS A 29 -15.76 5.16 7.64
CA LYS A 29 -16.35 3.96 8.25
C LYS A 29 -15.47 2.75 8.50
N GLY A 30 -14.71 2.39 7.49
CA GLY A 30 -14.79 1.26 6.60
C GLY A 30 -14.69 -0.22 7.00
N GLY A 31 -13.86 -0.60 7.95
CA GLY A 31 -13.55 -2.03 8.12
C GLY A 31 -13.94 -2.84 9.35
N PHE A 32 -13.55 -2.39 10.52
CA PHE A 32 -14.05 -3.01 11.73
C PHE A 32 -14.64 -2.00 12.68
N GLY A 33 -14.95 -0.83 12.16
CA GLY A 33 -15.40 0.21 13.04
C GLY A 33 -15.52 1.55 12.38
N LEU A 34 -15.26 2.58 13.17
CA LEU A 34 -15.45 3.94 12.76
C LEU A 34 -14.13 4.66 12.80
N VAL A 35 -13.85 5.51 11.82
CA VAL A 35 -12.64 6.31 11.85
C VAL A 35 -12.91 7.77 12.16
N HIS A 36 -12.09 8.35 13.02
CA HIS A 36 -12.28 9.70 13.44
C HIS A 36 -11.06 10.53 13.35
N LYS A 37 -11.22 11.79 13.01
CA LYS A 37 -10.18 12.77 13.19
C LYS A 37 -10.22 13.32 14.58
N GLY A 38 -9.09 13.64 15.14
CA GLY A 38 -8.99 14.03 16.52
C GLY A 38 -7.71 14.74 16.62
N ARG A 39 -7.33 15.17 17.81
CA ARG A 39 -5.99 15.69 18.01
C ARG A 39 -5.41 15.31 19.34
N LEU A 40 -4.11 15.42 19.48
CA LEU A 40 -3.38 15.00 20.66
C LEU A 40 -3.06 16.14 21.60
N VAL A 41 -3.74 16.13 22.73
CA VAL A 41 -3.83 17.27 23.61
C VAL A 41 -2.52 17.71 24.21
N LYS A 42 -1.64 16.78 24.52
CA LYS A 42 -0.33 17.12 25.07
C LYS A 42 0.62 17.95 24.18
N ASP A 43 0.73 17.63 22.90
CA ASP A 43 1.50 18.49 21.99
C ASP A 43 0.73 19.02 20.79
N LYS A 44 -0.57 18.73 20.76
CA LYS A 44 -1.45 19.15 19.68
C LYS A 44 -1.20 18.61 18.26
N SER A 45 -0.61 17.44 18.15
CA SER A 45 -0.51 16.76 16.87
C SER A 45 -1.87 16.28 16.45
N VAL A 46 -2.13 16.24 15.15
CA VAL A 46 -3.40 15.77 14.64
C VAL A 46 -3.31 14.30 14.28
N VAL A 47 -4.36 13.53 14.55
CA VAL A 47 -4.31 12.08 14.48
C VAL A 47 -5.57 11.49 13.89
N ALA A 48 -5.52 10.21 13.56
CA ALA A 48 -6.68 9.50 13.10
C ALA A 48 -6.94 8.35 14.03
N ILE A 49 -8.20 8.14 14.36
CA ILE A 49 -8.51 7.19 15.38
C ILE A 49 -9.42 6.10 14.92
N LYS A 50 -8.91 4.89 14.98
CA LYS A 50 -9.60 3.77 14.42
C LYS A 50 -10.15 2.91 15.51
N SER A 51 -11.45 2.72 15.48
CA SER A 51 -12.15 2.06 16.57
C SER A 51 -12.60 0.67 16.17
N LEU A 52 -12.78 -0.17 17.17
CA LEU A 52 -13.29 -1.49 16.93
C LEU A 52 -14.71 -1.56 17.51
N ILE A 53 -15.59 -2.07 16.69
CA ILE A 53 -17.00 -2.02 16.99
C ILE A 53 -17.55 -3.32 17.55
N THR A 61 -20.42 -13.65 15.97
CA THR A 61 -19.37 -14.53 16.48
C THR A 61 -18.34 -14.78 15.42
N GLU A 62 -18.67 -15.73 14.56
CA GLU A 62 -17.74 -16.33 13.66
C GLU A 62 -17.11 -15.27 12.79
N MET A 63 -17.87 -14.28 12.36
CA MET A 63 -17.24 -13.14 11.71
C MET A 63 -16.90 -12.08 12.74
N ILE A 64 -17.24 -12.34 13.97
CA ILE A 64 -16.83 -11.47 15.05
C ILE A 64 -15.33 -11.63 15.33
N GLU A 65 -14.69 -12.56 14.63
CA GLU A 65 -13.23 -12.71 14.58
C GLU A 65 -12.59 -11.85 13.50
N LYS A 66 -12.97 -10.59 13.48
CA LYS A 66 -12.29 -9.58 12.76
C LYS A 66 -11.57 -8.91 13.86
N PHE A 67 -11.73 -9.45 15.05
CA PHE A 67 -10.92 -9.05 16.16
C PHE A 67 -9.49 -9.44 15.84
N GLN A 68 -9.36 -10.57 15.21
CA GLN A 68 -8.09 -11.07 14.84
C GLN A 68 -7.43 -10.13 13.86
N GLU A 69 -8.23 -9.47 13.04
CA GLU A 69 -7.75 -8.46 12.10
C GLU A 69 -7.15 -7.27 12.81
N PHE A 70 -7.86 -6.76 13.79
CA PHE A 70 -7.43 -5.61 14.53
C PHE A 70 -6.10 -5.90 15.19
N GLN A 71 -5.96 -7.08 15.80
CA GLN A 71 -4.74 -7.48 16.48
C GLN A 71 -3.57 -7.62 15.56
N ARG A 72 -3.79 -8.20 14.41
CA ARG A 72 -2.78 -8.37 13.40
C ARG A 72 -2.24 -7.05 12.85
N GLU A 73 -3.10 -6.08 12.64
CA GLU A 73 -2.67 -4.80 12.20
C GLU A 73 -1.79 -4.17 13.26
N VAL A 74 -2.12 -4.36 14.52
CA VAL A 74 -1.33 -3.78 15.59
C VAL A 74 0.07 -4.31 15.66
N PHE A 75 0.21 -5.61 15.50
CA PHE A 75 1.47 -6.28 15.64
C PHE A 75 2.47 -5.82 14.61
N ILE A 76 2.01 -5.75 13.38
CA ILE A 76 2.81 -5.33 12.26
C ILE A 76 3.27 -3.90 12.36
N MET A 77 2.38 -3.01 12.72
CA MET A 77 2.70 -1.60 12.93
C MET A 77 3.69 -1.26 14.03
N SER A 78 3.59 -1.98 15.13
CA SER A 78 4.37 -1.74 16.30
C SER A 78 5.82 -1.94 15.99
N ASN A 79 6.08 -2.74 14.98
CA ASN A 79 7.44 -2.94 14.57
C ASN A 79 7.93 -2.14 13.37
N LEU A 80 7.22 -1.12 12.92
CA LEU A 80 7.71 -0.32 11.81
C LEU A 80 7.96 1.14 12.15
N ASN A 81 9.10 1.65 11.78
CA ASN A 81 9.44 3.01 12.07
C ASN A 81 10.21 3.62 10.92
N HIS A 82 9.51 4.22 9.98
CA HIS A 82 10.13 4.79 8.80
C HIS A 82 9.30 5.94 8.28
N PRO A 83 9.92 6.94 7.68
CA PRO A 83 9.18 8.12 7.21
C PRO A 83 8.14 7.89 6.10
N ASN A 84 8.27 6.82 5.34
CA ASN A 84 7.36 6.57 4.24
C ASN A 84 6.31 5.52 4.60
N ILE A 85 6.16 5.28 5.88
CA ILE A 85 5.14 4.40 6.44
C ILE A 85 4.35 5.05 7.57
N VAL A 86 3.04 4.94 7.52
CA VAL A 86 2.19 5.59 8.49
C VAL A 86 2.44 5.10 9.90
N LYS A 87 2.66 6.01 10.84
CA LYS A 87 3.11 5.69 12.20
C LYS A 87 1.99 5.43 13.20
N LEU A 88 2.12 4.40 14.02
CA LEU A 88 1.14 4.15 15.06
C LEU A 88 1.60 4.74 16.37
N TYR A 89 0.88 5.73 16.86
CA TYR A 89 1.14 6.35 18.16
C TYR A 89 0.85 5.57 19.44
N GLY A 90 -0.31 4.95 19.53
CA GLY A 90 -0.74 4.35 20.78
C GLY A 90 -1.98 3.53 20.64
N LEU A 91 -2.41 2.92 21.73
CA LEU A 91 -3.65 2.21 21.75
C LEU A 91 -4.56 2.80 22.78
N MET A 92 -5.85 2.59 22.62
CA MET A 92 -6.82 3.08 23.56
C MET A 92 -7.76 1.96 23.91
N HIS A 93 -8.34 2.03 25.09
CA HIS A 93 -9.17 0.98 25.57
C HIS A 93 -10.57 1.41 25.78
N ASN A 94 -11.48 0.46 25.61
CA ASN A 94 -12.88 0.67 25.87
C ASN A 94 -13.58 1.75 25.11
N PRO A 95 -13.80 1.56 23.81
CA PRO A 95 -13.43 0.36 23.08
C PRO A 95 -11.97 0.35 22.65
N PRO A 96 -11.58 -0.72 21.98
CA PRO A 96 -10.26 -0.83 21.38
C PRO A 96 -10.11 0.10 20.21
N ARG A 97 -9.05 0.90 20.24
CA ARG A 97 -8.79 1.92 19.26
C ARG A 97 -7.34 1.97 18.89
N MET A 98 -7.04 2.32 17.66
CA MET A 98 -5.69 2.54 17.19
C MET A 98 -5.51 4.02 16.95
N VAL A 99 -4.42 4.57 17.41
CA VAL A 99 -4.17 5.96 17.19
C VAL A 99 -2.95 6.19 16.28
N MET A 100 -3.20 6.75 15.10
CA MET A 100 -2.18 6.95 14.08
C MET A 100 -2.08 8.34 13.53
N GLU A 101 -0.97 8.65 12.91
CA GLU A 101 -0.80 9.95 12.32
C GLU A 101 -1.81 10.18 11.23
N PHE A 102 -2.23 11.42 11.11
CA PHE A 102 -3.19 11.82 10.15
C PHE A 102 -2.44 12.44 9.00
N VAL A 103 -2.74 12.01 7.79
CA VAL A 103 -2.07 12.42 6.58
C VAL A 103 -3.03 13.29 5.82
N PRO A 104 -2.68 14.55 5.61
CA PRO A 104 -3.54 15.65 5.17
C PRO A 104 -4.13 15.74 3.75
N CYS A 105 -3.49 15.20 2.74
CA CYS A 105 -3.83 15.48 1.36
C CYS A 105 -4.53 14.37 0.59
N GLY A 106 -5.23 13.48 1.27
CA GLY A 106 -5.95 12.42 0.62
C GLY A 106 -5.18 11.20 0.13
N ASP A 107 -5.72 10.52 -0.84
CA ASP A 107 -5.08 9.33 -1.34
C ASP A 107 -4.74 9.40 -2.81
N LEU A 108 -3.83 8.56 -3.23
CA LEU A 108 -3.32 8.59 -4.57
C LEU A 108 -4.36 8.29 -5.65
N TYR A 109 -5.25 7.33 -5.40
CA TYR A 109 -6.26 6.98 -6.36
C TYR A 109 -7.21 8.14 -6.69
N HIS A 110 -7.70 8.84 -5.69
CA HIS A 110 -8.51 10.01 -5.95
C HIS A 110 -7.83 11.17 -6.65
N ARG A 111 -6.57 11.42 -6.34
CA ARG A 111 -5.81 12.45 -6.98
C ARG A 111 -5.61 12.21 -8.49
N LEU A 112 -5.35 10.97 -8.88
CA LEU A 112 -5.15 10.58 -10.28
C LEU A 112 -6.39 10.70 -11.15
N LEU A 113 -7.53 10.64 -10.53
CA LEU A 113 -8.80 10.86 -11.17
C LEU A 113 -9.05 12.30 -11.65
N ASP A 114 -8.33 13.29 -11.15
CA ASP A 114 -8.46 14.65 -11.67
C ASP A 114 -7.59 14.83 -12.91
N LYS A 115 -8.19 14.55 -14.05
CA LYS A 115 -7.65 14.64 -15.41
C LYS A 115 -7.30 16.02 -15.96
N ALA A 116 -8.06 17.02 -15.56
CA ALA A 116 -7.81 18.41 -15.85
C ALA A 116 -6.53 18.99 -15.24
N HIS A 117 -6.06 18.40 -14.15
CA HIS A 117 -4.86 18.82 -13.49
C HIS A 117 -3.85 17.72 -13.28
N PRO A 118 -3.14 17.34 -14.31
CA PRO A 118 -2.15 16.27 -14.21
C PRO A 118 -0.94 16.55 -13.30
N ILE A 119 -0.49 15.57 -12.54
CA ILE A 119 0.66 15.71 -11.67
C ILE A 119 1.89 16.01 -12.50
N LYS A 120 2.70 16.97 -12.10
CA LYS A 120 3.91 17.24 -12.86
C LYS A 120 5.03 16.19 -12.74
N TRP A 121 5.85 16.09 -13.76
CA TRP A 121 6.74 15.01 -13.90
C TRP A 121 7.71 14.87 -12.75
N SER A 122 8.27 15.95 -12.26
CA SER A 122 9.14 15.90 -11.11
C SER A 122 8.48 15.41 -9.82
N VAL A 123 7.24 15.79 -9.59
CA VAL A 123 6.47 15.28 -8.47
C VAL A 123 6.17 13.79 -8.61
N LYS A 124 5.93 13.33 -9.81
CA LYS A 124 5.66 11.95 -10.05
C LYS A 124 6.85 11.11 -9.65
N LEU A 125 8.05 11.59 -9.94
CA LEU A 125 9.27 10.93 -9.54
C LEU A 125 9.47 10.83 -8.04
N ARG A 126 9.09 11.85 -7.30
CA ARG A 126 9.17 11.82 -5.85
C ARG A 126 8.29 10.76 -5.27
N LEU A 127 7.09 10.67 -5.81
CA LEU A 127 6.10 9.71 -5.40
C LEU A 127 6.56 8.28 -5.61
N MET A 128 7.14 8.03 -6.77
CA MET A 128 7.64 6.74 -7.08
C MET A 128 8.76 6.31 -6.15
N LEU A 129 9.73 7.17 -5.91
CA LEU A 129 10.83 6.92 -5.00
C LEU A 129 10.44 6.76 -3.54
N ASP A 130 9.54 7.59 -3.07
CA ASP A 130 9.08 7.58 -1.71
C ASP A 130 8.41 6.23 -1.35
N ILE A 131 7.56 5.70 -2.21
CA ILE A 131 6.94 4.39 -2.06
C ILE A 131 7.94 3.22 -2.10
N ALA A 132 8.90 3.30 -3.01
CA ALA A 132 9.96 2.34 -3.13
C ALA A 132 10.86 2.29 -1.89
N LEU A 133 11.14 3.42 -1.27
CA LEU A 133 11.83 3.44 0.00
C LEU A 133 11.05 2.78 1.13
N GLY A 134 9.75 3.00 1.17
CA GLY A 134 8.95 2.32 2.16
C GLY A 134 8.93 0.82 2.07
N ILE A 135 8.75 0.28 0.89
CA ILE A 135 8.84 -1.13 0.62
C ILE A 135 10.23 -1.76 0.83
N GLU A 136 11.29 -1.04 0.49
CA GLU A 136 12.62 -1.54 0.71
C GLU A 136 12.81 -1.78 2.19
N TYR A 137 12.34 -0.87 3.02
CA TYR A 137 12.48 -1.00 4.43
C TYR A 137 11.74 -2.26 4.95
N MET A 138 10.55 -2.50 4.44
CA MET A 138 9.77 -3.66 4.81
C MET A 138 10.46 -4.99 4.48
N GLN A 139 11.06 -5.09 3.31
CA GLN A 139 11.76 -6.26 2.86
C GLN A 139 13.11 -6.55 3.57
N ASN A 140 13.65 -5.55 4.23
CA ASN A 140 14.87 -5.66 4.99
C ASN A 140 14.68 -6.13 6.43
N GLN A 141 13.45 -6.24 6.88
CA GLN A 141 13.14 -6.74 8.19
C GLN A 141 13.39 -8.23 8.23
N ASN A 142 13.59 -8.76 9.43
CA ASN A 142 13.67 -10.20 9.63
C ASN A 142 12.63 -10.68 10.59
N PRO A 143 11.71 -11.48 10.12
CA PRO A 143 11.53 -11.80 8.72
C PRO A 143 10.85 -10.67 7.94
N PRO A 144 10.85 -10.78 6.63
CA PRO A 144 10.28 -9.74 5.78
C PRO A 144 8.80 -9.50 5.99
N ILE A 145 8.40 -8.25 5.96
CA ILE A 145 7.03 -7.87 6.06
C ILE A 145 6.39 -7.75 4.70
N VAL A 146 5.26 -8.40 4.53
CA VAL A 146 4.49 -8.38 3.32
C VAL A 146 3.12 -7.75 3.57
N HIS A 147 2.83 -6.67 2.85
CA HIS A 147 1.59 -5.97 2.95
C HIS A 147 0.35 -6.68 2.44
N ARG A 148 0.41 -7.16 1.21
CA ARG A 148 -0.63 -7.98 0.62
C ARG A 148 -1.80 -7.27 0.01
N ASP A 149 -1.91 -5.98 0.20
CA ASP A 149 -2.96 -5.22 -0.43
C ASP A 149 -2.51 -3.89 -1.03
N LEU A 150 -1.41 -3.89 -1.73
CA LEU A 150 -0.89 -2.68 -2.28
C LEU A 150 -1.59 -2.32 -3.57
N ARG A 151 -2.19 -1.15 -3.57
CA ARG A 151 -2.86 -0.51 -4.69
C ARG A 151 -3.00 0.98 -4.36
N SER A 152 -3.44 1.78 -5.30
CA SER A 152 -3.41 3.23 -5.17
C SER A 152 -4.23 3.87 -4.01
N PRO A 153 -5.37 3.33 -3.69
CA PRO A 153 -6.14 3.78 -2.53
C PRO A 153 -5.41 3.60 -1.22
N ASN A 154 -4.45 2.69 -1.14
CA ASN A 154 -3.63 2.49 0.05
C ASN A 154 -2.33 3.34 0.15
N ILE A 155 -2.09 4.22 -0.80
CA ILE A 155 -1.01 5.18 -0.69
C ILE A 155 -1.59 6.53 -0.31
N PHE A 156 -1.16 7.08 0.81
CA PHE A 156 -1.64 8.37 1.26
C PHE A 156 -0.65 9.51 0.95
N LEU A 157 -1.16 10.68 0.63
CA LEU A 157 -0.30 11.80 0.29
C LEU A 157 -0.13 12.83 1.40
N GLN A 158 1.09 12.94 1.89
CA GLN A 158 1.51 13.98 2.80
C GLN A 158 1.59 15.39 2.22
N SER A 159 2.18 15.53 1.05
CA SER A 159 2.30 16.78 0.33
C SER A 159 2.53 16.55 -1.16
N LEU A 160 2.07 17.44 -2.02
CA LEU A 160 2.47 17.46 -3.40
C LEU A 160 3.52 18.51 -3.85
N ASP A 161 4.21 19.13 -2.92
CA ASP A 161 5.36 19.98 -3.22
C ASP A 161 6.61 19.15 -3.47
N GLU A 162 7.26 19.39 -4.59
CA GLU A 162 8.43 18.64 -4.99
C GLU A 162 9.62 18.79 -4.07
N ASN A 163 9.60 19.79 -3.21
CA ASN A 163 10.62 19.98 -2.20
C ASN A 163 10.28 19.59 -0.77
N ALA A 164 9.14 18.98 -0.54
CA ALA A 164 8.73 18.57 0.78
C ALA A 164 9.64 17.49 1.28
N PRO A 165 9.81 17.35 2.57
CA PRO A 165 10.63 16.25 3.08
C PRO A 165 10.05 14.89 2.74
N VAL A 166 8.74 14.73 2.84
CA VAL A 166 8.02 13.53 2.46
C VAL A 166 6.82 13.79 1.56
N CYS A 167 6.72 13.13 0.43
CA CYS A 167 5.51 13.23 -0.34
C CYS A 167 4.47 12.11 -0.18
N ALA A 168 4.90 10.84 -0.16
CA ALA A 168 3.97 9.72 -0.01
C ALA A 168 4.24 8.71 1.11
N LYS A 169 3.17 8.14 1.63
CA LYS A 169 3.21 7.11 2.66
C LYS A 169 2.37 5.87 2.42
N VAL A 170 2.94 4.71 2.68
CA VAL A 170 2.25 3.43 2.62
C VAL A 170 1.34 3.24 3.83
N ALA A 171 0.10 2.87 3.60
CA ALA A 171 -0.91 2.77 4.62
C ALA A 171 -1.71 1.50 4.56
N ASP A 172 -2.53 1.27 5.58
CA ASP A 172 -3.47 0.17 5.61
C ASP A 172 -2.97 -1.24 5.54
N PHE A 173 -2.25 -1.69 6.54
CA PHE A 173 -1.77 -3.03 6.52
C PHE A 173 -2.88 -3.96 6.96
N GLY A 174 -4.04 -3.85 6.34
CA GLY A 174 -5.15 -4.72 6.64
C GLY A 174 -4.97 -6.21 6.36
N LEU A 175 -4.33 -6.56 5.26
CA LEU A 175 -4.18 -7.96 4.91
C LEU A 175 -2.86 -8.72 5.17
N SER A 176 -1.84 -8.08 5.75
CA SER A 176 -0.46 -8.62 5.76
C SER A 176 0.03 -9.66 6.81
N GLN A 177 1.23 -10.19 6.57
CA GLN A 177 1.83 -11.30 7.34
C GLN A 177 3.37 -11.24 7.54
N GLN A 178 3.92 -12.17 8.30
CA GLN A 178 5.39 -12.31 8.47
C GLN A 178 5.71 -13.67 7.76
N SER A 179 6.98 -13.94 7.48
CA SER A 179 7.52 -15.29 7.18
C SER A 179 7.17 -16.00 5.82
N VAL A 180 6.82 -15.22 4.79
CA VAL A 180 6.87 -15.67 3.39
C VAL A 180 6.13 -16.99 3.08
N HIS A 181 4.85 -17.12 3.40
CA HIS A 181 4.21 -18.39 3.10
C HIS A 181 2.88 -18.43 2.43
N SER A 182 1.95 -17.68 2.98
CA SER A 182 0.53 -17.95 2.87
C SER A 182 -0.18 -18.14 1.57
N VAL A 183 -1.05 -19.13 1.65
CA VAL A 183 -1.94 -19.53 0.59
C VAL A 183 -3.17 -18.68 0.31
N SER A 184 -3.92 -19.07 -0.71
CA SER A 184 -4.71 -18.23 -1.60
C SER A 184 -5.81 -17.39 -0.95
N GLY A 185 -6.39 -17.89 0.15
CA GLY A 185 -7.31 -17.10 0.97
C GLY A 185 -8.63 -16.56 0.43
N LEU A 186 -8.66 -15.24 0.27
CA LEU A 186 -9.86 -14.46 -0.01
C LEU A 186 -9.83 -13.79 -1.38
N LEU A 187 -10.99 -13.77 -2.06
CA LEU A 187 -11.09 -13.28 -3.43
C LEU A 187 -10.73 -11.80 -3.51
N GLY A 188 -10.09 -11.40 -4.61
CA GLY A 188 -9.47 -10.11 -4.68
C GLY A 188 -9.60 -9.37 -5.97
N ASN A 189 -9.21 -8.09 -5.96
CA ASN A 189 -9.22 -7.32 -7.17
C ASN A 189 -7.92 -7.64 -7.85
N PHE A 190 -8.09 -8.56 -8.74
CA PHE A 190 -7.08 -9.33 -9.36
C PHE A 190 -6.16 -8.49 -10.20
N GLN A 191 -6.58 -7.32 -10.62
CA GLN A 191 -5.74 -6.49 -11.43
C GLN A 191 -4.49 -5.96 -10.74
N TRP A 192 -4.48 -5.86 -9.42
CA TRP A 192 -3.33 -5.52 -8.65
C TRP A 192 -2.45 -6.66 -8.16
N MET A 193 -2.87 -7.91 -8.27
CA MET A 193 -2.14 -9.08 -7.56
CA MET A 193 -2.34 -9.12 -7.60
C MET A 193 -1.35 -9.92 -8.36
N ALA A 194 -0.29 -10.46 -7.81
CA ALA A 194 0.57 -11.38 -8.52
C ALA A 194 -0.16 -12.67 -8.90
N PRO A 195 0.23 -13.26 -10.03
CA PRO A 195 -0.43 -14.43 -10.60
C PRO A 195 -0.45 -15.67 -9.74
N GLU A 196 0.64 -15.95 -9.05
CA GLU A 196 0.78 -17.01 -8.08
C GLU A 196 -0.09 -16.85 -6.84
N THR A 197 -0.58 -15.66 -6.58
CA THR A 197 -1.50 -15.48 -5.50
C THR A 197 -2.97 -15.58 -5.85
N ILE A 198 -3.37 -15.61 -7.11
CA ILE A 198 -4.80 -15.49 -7.32
C ILE A 198 -5.52 -16.80 -7.44
N GLY A 199 -5.33 -17.45 -8.56
CA GLY A 199 -5.70 -18.82 -8.65
C GLY A 199 -4.75 -19.39 -7.65
N ALA A 200 -5.11 -20.49 -7.01
CA ALA A 200 -4.35 -21.03 -5.89
C ALA A 200 -2.93 -21.54 -6.24
N GLU A 201 -2.03 -21.45 -5.26
CA GLU A 201 -0.64 -21.87 -5.36
C GLU A 201 -0.12 -22.09 -3.95
N GLU A 202 1.16 -22.43 -3.77
CA GLU A 202 1.69 -22.81 -2.44
C GLU A 202 2.69 -21.89 -1.71
N GLU A 203 3.82 -21.63 -2.33
CA GLU A 203 4.78 -20.66 -1.82
C GLU A 203 4.27 -19.25 -2.08
N SER A 204 3.06 -19.16 -2.58
CA SER A 204 2.52 -17.89 -2.98
C SER A 204 2.59 -17.01 -1.73
N TYR A 205 2.47 -15.71 -1.93
CA TYR A 205 2.66 -14.78 -0.83
C TYR A 205 4.02 -14.75 -0.12
N THR A 206 5.09 -14.75 -0.89
CA THR A 206 6.34 -14.21 -0.47
C THR A 206 6.32 -12.70 -0.70
N GLU A 207 7.38 -12.03 -0.33
CA GLU A 207 7.51 -10.62 -0.52
C GLU A 207 7.56 -10.23 -1.97
N LYS A 208 7.87 -11.19 -2.82
CA LYS A 208 7.93 -11.00 -4.23
C LYS A 208 6.57 -10.60 -4.83
N ALA A 209 5.49 -11.03 -4.22
CA ALA A 209 4.16 -10.62 -4.60
C ALA A 209 3.89 -9.12 -4.44
N ASP A 210 4.43 -8.51 -3.40
CA ASP A 210 4.39 -7.08 -3.23
C ASP A 210 5.14 -6.37 -4.36
N THR A 211 6.24 -6.94 -4.82
CA THR A 211 7.03 -6.37 -5.90
C THR A 211 6.30 -6.26 -7.25
N TYR A 212 5.48 -7.26 -7.54
CA TYR A 212 4.57 -7.24 -8.66
C TYR A 212 3.51 -6.14 -8.52
N SER A 213 2.95 -5.97 -7.34
CA SER A 213 2.01 -4.91 -7.08
C SER A 213 2.60 -3.50 -7.26
N PHE A 214 3.85 -3.33 -6.91
CA PHE A 214 4.59 -2.10 -7.09
C PHE A 214 4.73 -1.68 -8.55
N ALA A 215 4.89 -2.62 -9.46
CA ALA A 215 4.92 -2.35 -10.85
C ALA A 215 3.62 -1.75 -11.38
N MET A 216 2.49 -2.21 -10.88
CA MET A 216 1.20 -1.59 -11.16
C MET A 216 0.99 -0.16 -10.63
N ILE A 217 1.51 0.12 -9.46
CA ILE A 217 1.59 1.44 -8.90
C ILE A 217 2.47 2.35 -9.74
N LEU A 218 3.60 1.86 -10.24
CA LEU A 218 4.39 2.60 -11.20
C LEU A 218 3.60 2.88 -12.49
N TYR A 219 2.86 1.90 -12.98
CA TYR A 219 2.07 2.07 -14.18
C TYR A 219 1.00 3.14 -14.06
N THR A 220 0.29 3.13 -12.96
CA THR A 220 -0.73 4.10 -12.67
C THR A 220 -0.22 5.53 -12.51
N ILE A 221 0.90 5.70 -11.84
CA ILE A 221 1.50 6.98 -11.71
C ILE A 221 1.97 7.51 -13.04
N LEU A 222 2.58 6.66 -13.85
CA LEU A 222 3.02 7.05 -15.16
C LEU A 222 1.90 7.48 -16.13
N THR A 223 0.83 6.72 -16.21
CA THR A 223 -0.23 6.98 -17.16
C THR A 223 -1.45 7.76 -16.66
N GLY A 224 -1.66 7.77 -15.37
CA GLY A 224 -2.87 8.24 -14.77
C GLY A 224 -4.08 7.31 -14.92
N GLU A 225 -3.86 6.09 -15.37
CA GLU A 225 -4.90 5.14 -15.68
C GLU A 225 -4.85 3.88 -14.81
N GLY A 226 -5.98 3.23 -14.66
CA GLY A 226 -6.06 1.95 -14.01
C GLY A 226 -5.38 0.80 -14.74
N PRO A 227 -4.61 0.01 -14.03
CA PRO A 227 -4.01 -1.17 -14.64
C PRO A 227 -5.07 -2.17 -15.17
N PHE A 228 -4.89 -2.58 -16.41
CA PHE A 228 -5.77 -3.50 -17.13
C PHE A 228 -7.09 -2.89 -17.68
N ASP A 229 -7.28 -1.60 -17.50
CA ASP A 229 -8.46 -0.92 -17.99
C ASP A 229 -8.60 -0.88 -19.51
N GLU A 230 -7.51 -1.07 -20.24
CA GLU A 230 -7.57 -1.24 -21.68
C GLU A 230 -8.29 -2.51 -22.15
N TYR A 231 -8.52 -3.43 -21.24
CA TYR A 231 -9.10 -4.71 -21.56
C TYR A 231 -10.45 -5.03 -20.91
N SER A 232 -11.22 -5.83 -21.62
CA SER A 232 -12.46 -6.37 -21.11
C SER A 232 -12.65 -7.88 -21.34
N TYR A 233 -12.63 -8.62 -20.25
CA TYR A 233 -12.81 -10.05 -20.26
C TYR A 233 -13.66 -10.46 -19.07
N GLY A 234 -14.30 -11.61 -19.18
CA GLY A 234 -14.96 -12.27 -18.07
C GLY A 234 -13.95 -12.74 -17.05
N LYS A 235 -14.35 -12.89 -15.82
CA LYS A 235 -13.41 -13.08 -14.73
C LYS A 235 -12.47 -14.29 -14.79
N ILE A 236 -12.96 -15.44 -15.18
CA ILE A 236 -12.17 -16.63 -15.44
C ILE A 236 -11.17 -16.48 -16.59
N LYS A 237 -11.60 -15.89 -17.67
CA LYS A 237 -10.75 -15.61 -18.79
C LYS A 237 -9.61 -14.64 -18.49
N PHE A 238 -9.90 -13.59 -17.74
CA PHE A 238 -8.96 -12.59 -17.32
C PHE A 238 -7.82 -13.17 -16.45
N ILE A 239 -8.17 -13.99 -15.50
CA ILE A 239 -7.22 -14.64 -14.66
C ILE A 239 -6.30 -15.59 -15.39
N ASN A 240 -6.85 -16.37 -16.30
CA ASN A 240 -6.11 -17.24 -17.17
C ASN A 240 -5.17 -16.47 -18.12
N MET A 241 -5.60 -15.34 -18.64
CA MET A 241 -4.73 -14.53 -19.47
C MET A 241 -3.52 -13.98 -18.71
N ILE A 242 -3.71 -13.49 -17.51
CA ILE A 242 -2.62 -13.04 -16.70
C ILE A 242 -1.62 -14.14 -16.26
N ARG A 243 -2.09 -15.28 -15.79
CA ARG A 243 -1.29 -16.45 -15.44
C ARG A 243 -0.60 -17.25 -16.53
N GLU A 244 -1.32 -17.60 -17.56
CA GLU A 244 -0.80 -18.43 -18.62
C GLU A 244 -0.35 -17.72 -19.87
N GLU A 245 -0.98 -16.63 -20.24
CA GLU A 245 -0.64 -15.93 -21.47
C GLU A 245 0.28 -14.70 -21.32
N GLY A 246 0.74 -14.41 -20.12
CA GLY A 246 1.45 -13.19 -19.81
C GLY A 246 0.83 -11.81 -20.08
N LEU A 247 -0.48 -11.67 -19.92
CA LEU A 247 -1.15 -10.42 -20.20
C LEU A 247 -0.74 -9.32 -19.23
N ARG A 248 -0.30 -8.19 -19.76
CA ARG A 248 0.08 -7.05 -18.97
C ARG A 248 -0.41 -5.73 -19.60
N PRO A 249 -0.54 -4.69 -18.81
CA PRO A 249 -0.85 -3.37 -19.35
C PRO A 249 0.23 -2.82 -20.30
N THR A 250 -0.18 -2.06 -21.29
CA THR A 250 0.72 -1.55 -22.31
C THR A 250 1.47 -0.31 -21.83
N ILE A 251 2.78 -0.36 -21.84
CA ILE A 251 3.61 0.78 -21.53
C ILE A 251 3.73 1.67 -22.76
N PRO A 252 3.45 2.94 -22.61
CA PRO A 252 3.44 3.89 -23.72
C PRO A 252 4.79 4.13 -24.36
N GLU A 253 4.79 4.49 -25.61
CA GLU A 253 5.98 4.62 -26.42
C GLU A 253 6.96 5.66 -25.94
N ASP A 254 6.47 6.69 -25.28
CA ASP A 254 7.30 7.74 -24.78
C ASP A 254 7.84 7.59 -23.38
N CYS A 255 7.63 6.45 -22.76
CA CYS A 255 8.21 6.18 -21.48
C CYS A 255 9.72 6.11 -21.59
N PRO A 256 10.44 6.69 -20.66
CA PRO A 256 11.89 6.55 -20.68
C PRO A 256 12.30 5.09 -20.49
N PRO A 257 13.31 4.64 -21.22
CA PRO A 257 13.67 3.25 -21.32
C PRO A 257 14.09 2.64 -20.02
N ARG A 258 14.74 3.41 -19.20
CA ARG A 258 15.09 3.00 -17.89
C ARG A 258 13.93 2.70 -16.96
N LEU A 259 12.89 3.51 -16.97
CA LEU A 259 11.61 3.19 -16.34
C LEU A 259 10.85 1.99 -16.94
N ARG A 260 10.88 1.84 -18.25
CA ARG A 260 10.23 0.72 -18.91
C ARG A 260 10.84 -0.61 -18.45
N ASN A 261 12.15 -0.67 -18.35
CA ASN A 261 12.84 -1.85 -17.84
C ASN A 261 12.52 -2.23 -16.41
N VAL A 262 12.46 -1.27 -15.52
CA VAL A 262 12.14 -1.52 -14.16
C VAL A 262 10.74 -2.12 -13.97
N ILE A 263 9.77 -1.58 -14.66
CA ILE A 263 8.41 -2.10 -14.64
C ILE A 263 8.26 -3.51 -15.19
N GLU A 264 8.87 -3.78 -16.33
CA GLU A 264 8.83 -5.09 -16.92
C GLU A 264 9.46 -6.17 -16.07
N LEU A 265 10.59 -5.91 -15.45
CA LEU A 265 11.19 -6.84 -14.48
C LEU A 265 10.34 -7.06 -13.23
N CYS A 266 9.79 -6.00 -12.70
CA CYS A 266 8.96 -6.07 -11.54
C CYS A 266 7.69 -6.90 -11.74
N TRP A 267 7.12 -6.92 -12.94
CA TRP A 267 5.96 -7.70 -13.23
C TRP A 267 6.17 -9.07 -13.89
N SER A 268 7.35 -9.64 -13.77
CA SER A 268 7.65 -10.93 -14.36
C SER A 268 6.79 -12.03 -13.77
N GLY A 269 6.40 -12.96 -14.61
CA GLY A 269 5.63 -14.11 -14.18
C GLY A 269 6.33 -14.95 -13.15
N ASP A 270 7.63 -15.15 -13.31
CA ASP A 270 8.45 -15.87 -12.33
C ASP A 270 8.93 -14.90 -11.27
N PRO A 271 8.53 -15.13 -10.05
CA PRO A 271 8.79 -14.25 -8.92
C PRO A 271 10.27 -14.07 -8.69
N LYS A 272 11.05 -15.08 -9.02
CA LYS A 272 12.47 -15.04 -8.85
C LYS A 272 13.16 -14.01 -9.70
N LYS A 273 12.53 -13.59 -10.78
CA LYS A 273 13.05 -12.54 -11.63
C LYS A 273 12.69 -11.12 -11.21
N ARG A 274 11.89 -10.96 -10.20
CA ARG A 274 11.60 -9.66 -9.74
C ARG A 274 12.75 -9.21 -8.86
N PRO A 275 13.25 -8.03 -9.10
CA PRO A 275 14.46 -7.53 -8.45
C PRO A 275 14.33 -7.13 -6.98
N HIS A 276 15.47 -7.07 -6.31
CA HIS A 276 15.67 -6.49 -4.99
C HIS A 276 15.42 -4.99 -5.02
N PHE A 277 14.92 -4.46 -3.93
CA PHE A 277 14.60 -3.06 -3.83
C PHE A 277 15.80 -2.10 -3.86
N SER A 278 16.98 -2.61 -3.53
CA SER A 278 18.20 -1.88 -3.72
C SER A 278 18.53 -1.58 -5.19
N TYR A 279 18.34 -2.52 -6.10
CA TYR A 279 18.39 -2.24 -7.51
C TYR A 279 17.30 -1.29 -7.96
N ILE A 280 16.09 -1.47 -7.47
CA ILE A 280 14.99 -0.62 -7.85
C ILE A 280 15.13 0.85 -7.44
N VAL A 281 15.55 1.12 -6.22
CA VAL A 281 15.78 2.48 -5.77
C VAL A 281 16.89 3.16 -6.57
N LYS A 282 17.96 2.46 -6.86
CA LYS A 282 19.01 3.00 -7.66
C LYS A 282 18.61 3.41 -9.11
N GLU A 283 17.90 2.55 -9.82
CA GLU A 283 17.42 2.88 -11.15
C GLU A 283 16.43 4.05 -11.22
N LEU A 284 15.51 4.11 -10.30
CA LEU A 284 14.60 5.22 -10.18
C LEU A 284 15.29 6.59 -9.89
N SER A 285 16.34 6.59 -9.09
CA SER A 285 17.07 7.80 -8.76
C SER A 285 17.83 8.40 -9.94
N GLU A 286 18.05 7.60 -10.97
CA GLU A 286 18.67 8.01 -12.19
C GLU A 286 17.76 8.59 -13.26
N LEU A 287 16.46 8.61 -13.06
CA LEU A 287 15.50 9.01 -14.08
C LEU A 287 15.46 10.50 -14.35
#